data_5WU0
#
_entry.id   5WU0
#
_cell.length_a   70.583
_cell.length_b   101.631
_cell.length_c   125.297
_cell.angle_alpha   90.00
_cell.angle_beta   90.00
_cell.angle_gamma   90.00
#
_symmetry.space_group_name_H-M   'I 2 2 2'
#
loop_
_entity.id
_entity.type
_entity.pdbx_description
1 polymer 'Binary enterotoxin of Clostridium perfringens component a'
2 non-polymer '1,4-DIHYDRONICOTINAMIDE ADENINE DINUCLEOTIDE'
3 water water
#
_entity_poly.entity_id   1
_entity_poly.type   'polypeptide(L)'
_entity_poly.pdbx_seq_one_letter_code
;GSMLDDNRPMDFAKDKNSATLWAKKRKQVWLNNLSKAESTSINNYIKNSSEINSYSIKKKFALDNYEGIETLNEDLKNIS
TAVKKSMLTKPLYVYYYEANDKFGFNQNLESSLDSNIIDEEAINNFAKKISDTNFIQDGFKDVTMTEPDINSKLPILVHL
KLPTNTPAASYGNDEENLRVLIDQGYSLKATGLSIVTIKGKQYAKVDADLIKQLNFENDVISASQWGEENYAPWLKELTS
NELRDINNYLGGGYTAINKYLLDGTIGENTSKEDLEEKISNISSALKKRKIPEDIITYRRMGPNEFGLDLNSPDYDFNKV
ENVSKFKEKWLGKTIPVKTFISTTVLSNNISAFAKRKLILRLHLPNGSNAAYVSVAEGYKNEYEVLIDHGYSYKIDNITE
YYDESSLGGKTNKLIIDATLI
;
_entity_poly.pdbx_strand_id   A
#
loop_
_chem_comp.id
_chem_comp.type
_chem_comp.name
_chem_comp.formula
NAI non-polymer '1,4-DIHYDRONICOTINAMIDE ADENINE DINUCLEOTIDE' 'C21 H29 N7 O14 P2'
#
# COMPACT_ATOMS: atom_id res chain seq x y z
N MET A 3 -25.32 4.75 -20.02
CA MET A 3 -26.18 3.86 -20.82
C MET A 3 -25.54 2.50 -21.16
N LEU A 4 -24.21 2.48 -21.25
CA LEU A 4 -23.47 1.29 -21.65
C LEU A 4 -23.60 0.14 -20.66
N ASP A 5 -24.06 0.43 -19.44
CA ASP A 5 -24.26 -0.59 -18.41
C ASP A 5 -25.72 -1.03 -18.29
N ASP A 6 -26.57 -0.64 -19.23
CA ASP A 6 -28.02 -0.71 -19.01
C ASP A 6 -28.54 -2.12 -18.77
N ASN A 7 -28.29 -3.03 -19.69
CA ASN A 7 -28.77 -4.39 -19.49
C ASN A 7 -27.63 -5.41 -19.47
N ARG A 8 -26.60 -5.09 -18.68
CA ARG A 8 -25.66 -6.11 -18.25
C ARG A 8 -25.98 -6.41 -16.79
N PRO A 9 -25.66 -7.63 -16.33
CA PRO A 9 -25.71 -7.88 -14.90
C PRO A 9 -24.51 -7.27 -14.18
N MET A 10 -24.48 -7.35 -12.86
CA MET A 10 -23.31 -6.92 -12.10
C MET A 10 -22.17 -7.91 -12.31
N ASP A 11 -22.54 -9.16 -12.62
CA ASP A 11 -21.60 -10.26 -12.75
C ASP A 11 -21.96 -11.09 -13.99
N PHE A 12 -21.02 -11.27 -14.91
CA PHE A 12 -21.28 -12.04 -16.13
C PHE A 12 -21.08 -13.54 -15.88
N ALA A 13 -20.48 -13.86 -14.73
CA ALA A 13 -20.26 -15.24 -14.33
C ALA A 13 -19.44 -16.01 -15.37
N LYS A 14 -20.10 -16.89 -16.10
CA LYS A 14 -19.43 -17.66 -17.15
C LYS A 14 -19.96 -17.29 -18.54
N ASP A 15 -20.87 -16.32 -18.58
CA ASP A 15 -21.45 -15.85 -19.83
C ASP A 15 -20.47 -14.98 -20.63
N LYS A 16 -19.47 -15.62 -21.24
CA LYS A 16 -18.45 -14.93 -22.02
C LYS A 16 -19.04 -14.10 -23.20
N ASN A 17 -20.13 -14.57 -23.75
CA ASN A 17 -20.77 -13.88 -24.88
C ASN A 17 -21.43 -12.56 -24.51
N SER A 18 -22.10 -12.52 -23.35
CA SER A 18 -22.69 -11.28 -22.84
C SER A 18 -21.60 -10.30 -22.41
N ALA A 19 -20.58 -10.84 -21.76
CA ALA A 19 -19.40 -10.07 -21.42
C ALA A 19 -18.82 -9.33 -22.64
N THR A 20 -18.71 -10.05 -23.76
CA THR A 20 -18.10 -9.49 -24.97
C THR A 20 -18.93 -8.39 -25.60
N LEU A 21 -20.23 -8.61 -25.70
CA LEU A 21 -21.12 -7.62 -26.31
C LEU A 21 -21.04 -6.28 -25.57
N TRP A 22 -21.01 -6.36 -24.24
CA TRP A 22 -20.95 -5.18 -23.39
C TRP A 22 -19.62 -4.42 -23.55
N ALA A 23 -18.53 -5.18 -23.54
CA ALA A 23 -17.20 -4.62 -23.65
C ALA A 23 -16.93 -4.00 -25.01
N LYS A 24 -17.52 -4.56 -26.06
CA LYS A 24 -17.23 -4.08 -27.40
C LYS A 24 -17.78 -2.69 -27.61
N LYS A 25 -19.04 -2.48 -27.27
CA LYS A 25 -19.65 -1.18 -27.48
C LYS A 25 -18.98 -0.15 -26.57
N ARG A 26 -18.61 -0.57 -25.37
CA ARG A 26 -17.98 0.31 -24.41
C ARG A 26 -16.58 0.74 -24.88
N LYS A 27 -15.78 -0.24 -25.29
CA LYS A 27 -14.41 0.00 -25.76
C LYS A 27 -14.38 0.90 -27.01
N GLN A 28 -15.35 0.73 -27.91
CA GLN A 28 -15.37 1.55 -29.12
C GLN A 28 -15.62 3.02 -28.82
N VAL A 29 -16.60 3.28 -27.96
CA VAL A 29 -16.92 4.65 -27.59
C VAL A 29 -15.75 5.29 -26.82
N TRP A 30 -15.17 4.53 -25.89
CA TRP A 30 -14.03 5.02 -25.09
C TRP A 30 -12.82 5.37 -25.94
N LEU A 31 -12.53 4.57 -26.96
CA LEU A 31 -11.36 4.82 -27.80
C LEU A 31 -11.51 6.08 -28.62
N ASN A 32 -12.75 6.38 -29.03
CA ASN A 32 -13.03 7.58 -29.80
C ASN A 32 -13.08 8.82 -28.93
N ASN A 33 -13.01 8.61 -27.61
CA ASN A 33 -12.92 9.71 -26.65
C ASN A 33 -11.49 9.98 -26.20
N LEU A 34 -10.54 9.17 -26.69
CA LEU A 34 -9.17 9.31 -26.23
C LEU A 34 -8.40 10.34 -27.06
N SER A 35 -7.50 11.05 -26.41
CA SER A 35 -6.54 11.88 -27.10
C SER A 35 -5.43 10.99 -27.63
N LYS A 36 -4.77 11.44 -28.69
CA LYS A 36 -3.69 10.66 -29.30
C LYS A 36 -2.66 10.23 -28.27
N ALA A 37 -2.34 11.14 -27.34
CA ALA A 37 -1.44 10.86 -26.23
C ALA A 37 -1.98 9.73 -25.35
N GLU A 38 -3.30 9.69 -25.21
CA GLU A 38 -3.94 8.63 -24.44
C GLU A 38 -4.01 7.32 -25.24
N SER A 39 -4.40 7.39 -26.51
CA SER A 39 -4.37 6.23 -27.41
C SER A 39 -3.00 5.55 -27.35
N THR A 40 -1.96 6.37 -27.45
CA THR A 40 -0.57 5.91 -27.43
C THR A 40 -0.18 5.25 -26.10
N SER A 41 -0.57 5.87 -25.00
CA SER A 41 -0.22 5.36 -23.67
C SER A 41 -0.93 4.06 -23.30
N ILE A 42 -2.18 3.92 -23.72
CA ILE A 42 -2.91 2.67 -23.51
C ILE A 42 -2.28 1.55 -24.35
N ASN A 43 -1.81 1.92 -25.54
CA ASN A 43 -1.10 0.99 -26.39
C ASN A 43 0.19 0.54 -25.71
N ASN A 44 0.83 1.46 -25.01
CA ASN A 44 2.06 1.14 -24.30
C ASN A 44 1.77 0.21 -23.15
N TYR A 45 0.58 0.37 -22.56
CA TYR A 45 0.21 -0.46 -21.42
C TYR A 45 -0.09 -1.87 -21.90
N ILE A 46 -0.58 -2.03 -23.12
CA ILE A 46 -0.78 -3.37 -23.67
C ILE A 46 0.57 -4.07 -23.88
N LYS A 47 1.53 -3.38 -24.51
CA LYS A 47 2.86 -3.93 -24.77
C LYS A 47 3.69 -4.29 -23.51
N ASN A 48 3.68 -3.42 -22.49
CA ASN A 48 4.54 -3.66 -21.32
C ASN A 48 3.98 -3.07 -20.03
N SER A 49 2.83 -3.60 -19.62
CA SER A 49 2.14 -3.16 -18.41
C SER A 49 3.01 -3.31 -17.17
N SER A 50 3.85 -4.34 -17.19
CA SER A 50 4.71 -4.65 -16.05
C SER A 50 5.70 -3.51 -15.76
N GLU A 51 6.44 -3.12 -16.79
CA GLU A 51 7.41 -2.03 -16.72
C GLU A 51 6.78 -0.73 -16.19
N ILE A 52 5.61 -0.40 -16.70
CA ILE A 52 4.90 0.80 -16.31
C ILE A 52 4.53 0.72 -14.84
N ASN A 53 3.90 -0.40 -14.47
CA ASN A 53 3.48 -0.59 -13.09
C ASN A 53 4.67 -0.63 -12.14
N SER A 54 5.75 -1.31 -12.51
CA SER A 54 6.95 -1.28 -11.69
C SER A 54 7.44 0.15 -11.55
N TYR A 55 7.33 0.93 -12.64
CA TYR A 55 7.91 2.27 -12.64
C TYR A 55 7.14 3.19 -11.71
N SER A 56 5.82 3.01 -11.65
CA SER A 56 4.95 3.82 -10.79
C SER A 56 5.38 3.71 -9.32
N ILE A 57 5.82 2.52 -8.95
CA ILE A 57 6.37 2.26 -7.63
C ILE A 57 7.68 3.02 -7.39
N LYS A 58 8.64 2.88 -8.31
CA LYS A 58 9.92 3.59 -8.21
C LYS A 58 9.70 5.09 -8.08
N LYS A 59 8.78 5.61 -8.88
CA LYS A 59 8.59 7.04 -8.94
C LYS A 59 8.04 7.58 -7.61
N LYS A 60 7.03 6.91 -7.08
CA LYS A 60 6.32 7.42 -5.92
C LYS A 60 7.20 7.39 -4.68
N PHE A 61 8.13 6.43 -4.62
CA PHE A 61 8.99 6.31 -3.44
C PHE A 61 10.34 7.00 -3.62
N ALA A 62 10.51 7.67 -4.76
CA ALA A 62 11.76 8.37 -5.08
C ALA A 62 12.04 9.59 -4.19
N LEU A 63 13.25 10.11 -4.31
CA LEU A 63 13.60 11.41 -3.79
C LEU A 63 12.91 12.49 -4.60
N ASP A 64 12.91 13.71 -4.08
CA ASP A 64 12.18 14.82 -4.72
C ASP A 64 12.67 15.17 -6.11
N ASN A 65 13.99 15.33 -6.26
CA ASN A 65 14.58 15.76 -7.51
C ASN A 65 14.72 14.61 -8.50
N TYR A 66 13.83 13.64 -8.39
CA TYR A 66 13.84 12.47 -9.24
C TYR A 66 13.37 12.80 -10.64
N GLU A 67 14.28 12.74 -11.60
CA GLU A 67 13.92 12.95 -12.99
C GLU A 67 13.10 11.77 -13.49
N GLY A 68 13.71 10.60 -13.44
CA GLY A 68 13.05 9.38 -13.85
C GLY A 68 13.14 9.20 -15.35
N ILE A 69 12.11 8.57 -15.92
CA ILE A 69 12.06 8.32 -17.35
C ILE A 69 10.85 9.00 -17.96
N GLU A 70 11.12 10.00 -18.81
CA GLU A 70 10.16 10.97 -19.29
C GLU A 70 8.86 10.41 -19.83
N THR A 71 8.98 9.47 -20.75
CA THR A 71 7.80 8.98 -21.44
C THR A 71 6.94 8.09 -20.54
N LEU A 72 7.55 7.48 -19.55
CA LEU A 72 6.79 6.69 -18.58
C LEU A 72 6.10 7.61 -17.58
N ASN A 73 6.61 8.83 -17.42
CA ASN A 73 5.89 9.84 -16.64
C ASN A 73 4.60 10.18 -17.37
N GLU A 74 4.73 10.31 -18.69
CA GLU A 74 3.61 10.57 -19.59
C GLU A 74 2.58 9.46 -19.56
N ASP A 75 3.02 8.21 -19.72
CA ASP A 75 2.12 7.08 -19.70
C ASP A 75 1.37 7.02 -18.36
N LEU A 76 2.07 7.17 -17.24
CA LEU A 76 1.40 7.22 -15.94
C LEU A 76 0.25 8.22 -15.92
N LYS A 77 0.47 9.41 -16.48
CA LYS A 77 -0.57 10.44 -16.50
C LYS A 77 -1.70 10.11 -17.47
N ASN A 78 -1.32 9.76 -18.69
CA ASN A 78 -2.28 9.52 -19.77
C ASN A 78 -3.18 8.30 -19.55
N ILE A 79 -2.63 7.24 -18.98
CA ILE A 79 -3.42 6.06 -18.67
C ILE A 79 -4.45 6.43 -17.61
N SER A 80 -4.02 7.25 -16.66
CA SER A 80 -4.88 7.66 -15.56
C SER A 80 -6.04 8.52 -16.07
N THR A 81 -5.73 9.50 -16.92
CA THR A 81 -6.79 10.35 -17.45
C THR A 81 -7.65 9.56 -18.43
N ALA A 82 -7.03 8.59 -19.11
CA ALA A 82 -7.76 7.75 -20.06
C ALA A 82 -8.91 7.00 -19.40
N VAL A 83 -8.59 6.13 -18.45
CA VAL A 83 -9.60 5.27 -17.82
C VAL A 83 -10.68 6.06 -17.09
N LYS A 84 -10.38 7.29 -16.65
CA LYS A 84 -11.39 8.12 -15.97
C LYS A 84 -12.51 8.55 -16.91
N LYS A 85 -12.35 8.28 -18.20
CA LYS A 85 -13.37 8.57 -19.20
C LYS A 85 -14.31 7.39 -19.38
N SER A 86 -14.08 6.33 -18.61
CA SER A 86 -14.87 5.10 -18.71
C SER A 86 -15.23 4.55 -17.34
N MET A 87 -15.91 5.36 -16.54
CA MET A 87 -16.29 4.96 -15.19
C MET A 87 -17.56 4.12 -15.22
N LEU A 88 -17.58 3.06 -14.42
CA LEU A 88 -18.76 2.22 -14.29
C LEU A 88 -19.93 3.02 -13.71
N THR A 89 -21.15 2.77 -14.21
CA THR A 89 -22.34 3.40 -13.64
C THR A 89 -23.07 2.48 -12.66
N LYS A 90 -22.52 1.28 -12.46
CA LYS A 90 -23.01 0.32 -11.48
C LYS A 90 -21.91 -0.71 -11.24
N PRO A 91 -21.96 -1.42 -10.10
CA PRO A 91 -20.87 -2.36 -9.82
C PRO A 91 -20.63 -3.39 -10.92
N LEU A 92 -19.39 -3.83 -11.01
CA LEU A 92 -18.98 -4.90 -11.91
C LEU A 92 -18.12 -5.86 -11.13
N TYR A 93 -18.46 -7.13 -11.16
CA TYR A 93 -17.58 -8.14 -10.59
C TYR A 93 -16.56 -8.48 -11.66
N VAL A 94 -15.32 -8.69 -11.26
CA VAL A 94 -14.26 -9.05 -12.20
C VAL A 94 -13.42 -10.17 -11.58
N TYR A 95 -12.61 -10.84 -12.40
CA TYR A 95 -11.89 -12.04 -11.98
C TYR A 95 -10.40 -11.98 -12.36
N TYR A 96 -9.56 -12.63 -11.57
CA TYR A 96 -8.17 -12.88 -11.96
C TYR A 96 -7.50 -13.84 -11.00
N TYR A 97 -6.66 -14.71 -11.55
CA TYR A 97 -5.85 -15.61 -10.75
C TYR A 97 -4.74 -14.83 -10.06
N GLU A 98 -4.39 -15.20 -8.83
CA GLU A 98 -3.46 -14.41 -8.03
C GLU A 98 -2.44 -15.26 -7.26
N ALA A 99 -1.26 -14.70 -6.99
CA ALA A 99 -0.25 -15.42 -6.22
C ALA A 99 -0.37 -15.25 -4.71
N ASN A 100 0.23 -16.20 -4.00
CA ASN A 100 0.48 -16.12 -2.57
C ASN A 100 1.01 -14.77 -2.14
N ASP A 101 1.97 -14.25 -2.90
CA ASP A 101 2.66 -13.01 -2.59
C ASP A 101 1.74 -11.84 -2.31
N LYS A 102 0.73 -11.65 -3.15
CA LYS A 102 -0.14 -10.46 -3.04
C LYS A 102 -1.09 -10.49 -1.83
N PHE A 103 -0.99 -11.53 -1.01
CA PHE A 103 -1.77 -11.62 0.23
C PHE A 103 -0.81 -11.85 1.38
N GLY A 104 0.48 -11.65 1.08
CA GLY A 104 1.55 -11.79 2.04
C GLY A 104 1.58 -13.16 2.68
N PHE A 105 1.19 -14.17 1.90
CA PHE A 105 1.06 -15.53 2.41
C PHE A 105 2.14 -16.44 1.87
N ASN A 106 2.93 -17.07 2.73
CA ASN A 106 3.85 -18.07 2.23
C ASN A 106 3.68 -19.39 2.93
N GLN A 107 2.52 -20.00 2.68
CA GLN A 107 2.30 -21.38 2.98
C GLN A 107 1.68 -21.99 1.73
N ASN A 108 2.10 -23.19 1.37
CA ASN A 108 1.49 -23.79 0.21
C ASN A 108 0.06 -24.20 0.46
N LEU A 109 -0.82 -23.78 -0.43
CA LEU A 109 -2.24 -24.05 -0.33
C LEU A 109 -2.63 -25.42 -0.91
N GLU A 110 -1.73 -26.03 -1.67
CA GLU A 110 -1.97 -27.38 -2.18
C GLU A 110 -1.73 -28.43 -1.11
N SER A 111 -2.59 -29.44 -1.08
CA SER A 111 -2.29 -30.57 -0.22
C SER A 111 -1.12 -31.32 -0.85
N SER A 112 -0.31 -31.96 -0.02
CA SER A 112 0.85 -32.68 -0.52
C SER A 112 0.44 -33.92 -1.34
N LEU A 113 -0.73 -34.47 -1.03
CA LEU A 113 -1.17 -35.75 -1.60
C LEU A 113 -1.80 -35.65 -2.98
N ASP A 114 -2.53 -34.56 -3.24
CA ASP A 114 -3.26 -34.41 -4.49
C ASP A 114 -3.30 -32.95 -4.91
N SER A 115 -2.56 -32.63 -5.96
CA SER A 115 -2.38 -31.25 -6.41
C SER A 115 -3.70 -30.55 -6.73
N ASN A 116 -4.73 -31.35 -7.01
CA ASN A 116 -6.08 -30.87 -7.29
C ASN A 116 -6.83 -30.45 -6.04
N ILE A 117 -6.30 -30.80 -4.86
CA ILE A 117 -7.05 -30.61 -3.63
C ILE A 117 -6.34 -29.68 -2.65
N ILE A 118 -7.04 -28.64 -2.21
CA ILE A 118 -6.44 -27.67 -1.31
C ILE A 118 -6.29 -28.21 0.10
N ASP A 119 -5.11 -27.98 0.67
CA ASP A 119 -4.81 -28.40 2.04
C ASP A 119 -5.67 -27.65 3.06
N GLU A 120 -6.31 -28.40 3.94
CA GLU A 120 -7.28 -27.84 4.88
C GLU A 120 -6.65 -26.89 5.90
N GLU A 121 -5.45 -27.22 6.38
CA GLU A 121 -4.85 -26.38 7.39
C GLU A 121 -4.29 -25.12 6.72
N ALA A 122 -3.77 -25.26 5.51
CA ALA A 122 -3.31 -24.12 4.76
C ALA A 122 -4.44 -23.10 4.59
N ILE A 123 -5.57 -23.55 4.05
CA ILE A 123 -6.66 -22.64 3.79
C ILE A 123 -7.13 -21.97 5.11
N ASN A 124 -7.00 -22.67 6.24
CA ASN A 124 -7.40 -22.11 7.54
C ASN A 124 -6.49 -20.95 7.96
N ASN A 125 -5.19 -21.13 7.79
CA ASN A 125 -4.24 -20.04 8.04
C ASN A 125 -4.45 -18.87 7.10
N PHE A 126 -4.76 -19.19 5.85
CA PHE A 126 -5.02 -18.19 4.84
C PHE A 126 -6.20 -17.32 5.27
N ALA A 127 -7.20 -17.95 5.89
CA ALA A 127 -8.41 -17.25 6.31
C ALA A 127 -8.10 -16.20 7.38
N LYS A 128 -7.27 -16.59 8.33
CA LYS A 128 -6.78 -15.68 9.34
C LYS A 128 -5.97 -14.57 8.70
N LYS A 129 -5.08 -14.93 7.78
CA LYS A 129 -4.13 -13.98 7.24
C LYS A 129 -4.77 -12.88 6.40
N ILE A 130 -5.83 -13.21 5.68
CA ILE A 130 -6.42 -12.21 4.80
C ILE A 130 -7.44 -11.32 5.52
N SER A 131 -7.80 -11.65 6.77
CA SER A 131 -8.73 -10.81 7.54
C SER A 131 -8.05 -9.55 8.09
N ASP A 132 -8.86 -8.54 8.41
CA ASP A 132 -8.41 -7.34 9.10
C ASP A 132 -7.22 -6.68 8.40
N THR A 133 -7.27 -6.65 7.07
CA THR A 133 -6.17 -6.17 6.26
C THR A 133 -6.73 -5.57 4.97
N ASN A 134 -6.32 -4.35 4.65
CA ASN A 134 -6.54 -3.79 3.32
C ASN A 134 -5.28 -3.95 2.49
N PHE A 135 -5.38 -4.64 1.35
CA PHE A 135 -4.21 -4.94 0.51
C PHE A 135 -4.04 -3.91 -0.59
N ILE A 136 -3.00 -3.12 -0.48
CA ILE A 136 -2.79 -2.04 -1.42
C ILE A 136 -2.35 -2.63 -2.76
N GLN A 137 -2.99 -2.14 -3.80
CA GLN A 137 -2.67 -2.54 -5.16
C GLN A 137 -1.86 -1.44 -5.85
N ASP A 138 -0.57 -1.68 -6.02
CA ASP A 138 0.31 -0.72 -6.70
C ASP A 138 0.12 -0.74 -8.21
N GLY A 139 0.30 0.41 -8.84
CA GLY A 139 0.16 0.50 -10.28
C GLY A 139 -1.26 0.31 -10.75
N PHE A 140 -1.45 0.11 -12.05
CA PHE A 140 -2.77 -0.21 -12.60
C PHE A 140 -3.03 -1.70 -12.51
N LYS A 141 -4.30 -2.08 -12.55
CA LYS A 141 -4.70 -3.47 -12.39
C LYS A 141 -5.64 -3.84 -13.54
N ASP A 142 -5.21 -4.78 -14.36
CA ASP A 142 -6.07 -5.19 -15.44
C ASP A 142 -6.60 -6.57 -15.14
N VAL A 143 -7.87 -6.77 -15.46
CA VAL A 143 -8.57 -7.99 -15.07
C VAL A 143 -9.42 -8.54 -16.21
N THR A 144 -10.15 -9.62 -15.95
CA THR A 144 -11.04 -10.21 -16.94
C THR A 144 -12.49 -10.25 -16.43
N MET A 145 -13.44 -10.50 -17.33
CA MET A 145 -14.88 -10.36 -17.03
C MET A 145 -15.60 -11.60 -16.56
N THR A 146 -14.98 -12.75 -16.77
CA THR A 146 -15.65 -14.00 -16.48
C THR A 146 -14.72 -14.96 -15.75
N GLU A 147 -15.33 -15.90 -15.08
CA GLU A 147 -14.60 -17.00 -14.50
C GLU A 147 -13.69 -17.63 -15.56
N PRO A 148 -12.38 -17.67 -15.28
CA PRO A 148 -11.45 -18.31 -16.23
C PRO A 148 -11.83 -19.76 -16.45
N ASP A 149 -11.56 -20.26 -17.66
CA ASP A 149 -11.94 -21.61 -18.02
C ASP A 149 -10.69 -22.46 -18.22
N ILE A 150 -9.53 -21.90 -17.92
CA ILE A 150 -8.26 -22.58 -18.17
C ILE A 150 -7.45 -22.81 -16.91
N ASN A 151 -6.53 -23.77 -16.96
CA ASN A 151 -5.71 -24.05 -15.79
C ASN A 151 -4.93 -22.82 -15.33
N SER A 152 -4.62 -22.76 -14.06
CA SER A 152 -3.66 -21.80 -13.58
C SER A 152 -2.60 -22.47 -12.73
N LYS A 153 -1.40 -21.91 -12.80
CA LYS A 153 -0.30 -22.31 -11.93
C LYS A 153 -0.44 -21.60 -10.58
N LEU A 154 -1.12 -20.45 -10.60
CA LEU A 154 -1.44 -19.73 -9.38
C LEU A 154 -2.51 -20.47 -8.53
N PRO A 155 -2.45 -20.30 -7.21
CA PRO A 155 -3.33 -21.03 -6.28
C PRO A 155 -4.66 -20.35 -5.94
N ILE A 156 -4.80 -19.06 -6.24
CA ILE A 156 -5.93 -18.26 -5.76
C ILE A 156 -6.75 -17.65 -6.91
N LEU A 157 -8.08 -17.70 -6.80
CA LEU A 157 -8.93 -16.92 -7.71
C LEU A 157 -9.52 -15.78 -6.94
N VAL A 158 -9.30 -14.55 -7.42
CA VAL A 158 -9.94 -13.38 -6.82
C VAL A 158 -11.19 -13.03 -7.60
N HIS A 159 -12.27 -12.84 -6.85
CA HIS A 159 -13.56 -12.46 -7.37
C HIS A 159 -13.78 -11.09 -6.75
N LEU A 160 -13.57 -10.03 -7.53
CA LEU A 160 -13.40 -8.66 -7.03
C LEU A 160 -14.52 -7.69 -7.40
N LYS A 161 -15.18 -7.10 -6.40
CA LYS A 161 -16.29 -6.21 -6.71
C LYS A 161 -15.84 -4.77 -6.93
N LEU A 162 -16.03 -4.26 -8.15
CA LEU A 162 -15.73 -2.86 -8.42
C LEU A 162 -16.98 -2.04 -8.19
N PRO A 163 -16.91 -1.03 -7.32
CA PRO A 163 -18.12 -0.25 -7.04
C PRO A 163 -18.41 0.77 -8.14
N THR A 164 -19.66 1.25 -8.17
CA THR A 164 -20.08 2.33 -9.06
C THR A 164 -19.03 3.44 -9.09
N ASN A 165 -18.81 4.02 -10.27
CA ASN A 165 -17.85 5.12 -10.49
C ASN A 165 -16.39 4.74 -10.50
N THR A 166 -16.08 3.45 -10.38
CA THR A 166 -14.71 3.01 -10.58
C THR A 166 -14.34 3.32 -12.02
N PRO A 167 -13.20 3.99 -12.24
CA PRO A 167 -12.72 4.09 -13.62
C PRO A 167 -12.22 2.72 -14.07
N ALA A 168 -12.84 2.18 -15.11
CA ALA A 168 -12.62 0.80 -15.48
C ALA A 168 -12.88 0.63 -16.97
N ALA A 169 -11.82 0.64 -17.78
CA ALA A 169 -12.00 0.69 -19.23
C ALA A 169 -11.80 -0.67 -19.90
N SER A 170 -12.53 -0.87 -20.98
CA SER A 170 -12.45 -2.06 -21.80
C SER A 170 -11.35 -1.89 -22.86
N TYR A 171 -10.35 -2.76 -22.83
CA TYR A 171 -9.21 -2.64 -23.74
C TYR A 171 -8.73 -4.04 -24.13
N GLY A 172 -7.79 -4.10 -25.07
CA GLY A 172 -7.18 -5.37 -25.43
C GLY A 172 -7.14 -5.69 -26.91
N ASN A 173 -6.30 -6.66 -27.26
CA ASN A 173 -6.09 -7.03 -28.66
C ASN A 173 -7.05 -8.12 -29.14
N ASP A 174 -7.48 -8.95 -28.20
CA ASP A 174 -8.40 -10.05 -28.47
C ASP A 174 -9.83 -9.59 -28.25
N GLU A 175 -10.56 -9.35 -29.35
CA GLU A 175 -11.89 -8.78 -29.25
C GLU A 175 -12.90 -9.69 -28.52
N GLU A 176 -12.60 -10.99 -28.43
CA GLU A 176 -13.51 -11.91 -27.78
C GLU A 176 -13.12 -12.17 -26.31
N ASN A 177 -12.03 -11.54 -25.86
CA ASN A 177 -11.62 -11.56 -24.45
C ASN A 177 -11.00 -10.25 -24.00
N LEU A 178 -11.75 -9.16 -24.20
CA LEU A 178 -11.32 -7.84 -23.74
C LEU A 178 -11.14 -7.82 -22.23
N ARG A 179 -10.08 -7.14 -21.80
CA ARG A 179 -9.77 -7.03 -20.38
C ARG A 179 -10.29 -5.70 -19.80
N VAL A 180 -10.27 -5.59 -18.48
CA VAL A 180 -10.74 -4.37 -17.83
C VAL A 180 -9.58 -3.69 -17.14
N LEU A 181 -9.36 -2.42 -17.47
CA LEU A 181 -8.21 -1.67 -16.99
C LEU A 181 -8.61 -0.72 -15.86
N ILE A 182 -8.10 -0.99 -14.67
CA ILE A 182 -8.49 -0.27 -13.46
C ILE A 182 -7.43 0.73 -13.08
N ASP A 183 -7.87 1.97 -12.84
CA ASP A 183 -7.01 3.08 -12.42
C ASP A 183 -6.18 2.82 -11.16
N GLN A 184 -5.12 3.60 -11.00
CA GLN A 184 -4.26 3.62 -9.81
C GLN A 184 -4.99 4.07 -8.54
N GLY A 185 -4.46 3.68 -7.38
CA GLY A 185 -4.88 4.24 -6.11
C GLY A 185 -5.81 3.41 -5.24
N TYR A 186 -5.94 2.13 -5.56
CA TYR A 186 -6.94 1.31 -4.90
C TYR A 186 -6.35 0.18 -4.07
N SER A 187 -7.19 -0.36 -3.20
CA SER A 187 -6.83 -1.46 -2.34
C SER A 187 -7.91 -2.57 -2.38
N LEU A 188 -7.57 -3.72 -1.83
CA LEU A 188 -8.42 -4.88 -1.82
C LEU A 188 -8.76 -5.29 -0.38
N LYS A 189 -10.05 -5.48 -0.13
CA LYS A 189 -10.55 -5.89 1.17
C LYS A 189 -11.41 -7.17 1.00
N ALA A 190 -10.94 -8.28 1.57
CA ALA A 190 -11.64 -9.58 1.44
C ALA A 190 -13.01 -9.52 2.09
N THR A 191 -13.99 -10.16 1.45
CA THR A 191 -15.34 -10.25 2.00
C THR A 191 -15.84 -11.71 2.04
N GLY A 192 -14.93 -12.66 1.79
CA GLY A 192 -15.31 -14.06 1.78
C GLY A 192 -14.20 -14.98 1.31
N LEU A 193 -14.22 -16.21 1.79
CA LEU A 193 -13.26 -17.22 1.35
C LEU A 193 -13.96 -18.54 1.15
N SER A 194 -13.66 -19.20 0.02
CA SER A 194 -14.19 -20.52 -0.25
C SER A 194 -13.27 -21.27 -1.21
N ILE A 195 -13.59 -22.55 -1.44
CA ILE A 195 -12.89 -23.31 -2.45
C ILE A 195 -13.78 -23.40 -3.67
N VAL A 196 -13.20 -23.12 -4.84
CA VAL A 196 -13.89 -23.28 -6.11
C VAL A 196 -13.17 -24.37 -6.88
N THR A 197 -13.91 -25.13 -7.68
CA THR A 197 -13.29 -26.12 -8.54
C THR A 197 -13.48 -25.70 -10.00
N ILE A 198 -12.37 -25.40 -10.66
CA ILE A 198 -12.42 -25.13 -12.09
C ILE A 198 -11.57 -26.16 -12.81
N LYS A 199 -12.15 -26.78 -13.83
CA LYS A 199 -11.47 -27.77 -14.67
C LYS A 199 -10.81 -28.87 -13.85
N GLY A 200 -11.53 -29.35 -12.83
CA GLY A 200 -11.09 -30.46 -12.01
C GLY A 200 -10.14 -30.13 -10.88
N LYS A 201 -9.68 -28.87 -10.83
CA LYS A 201 -8.72 -28.41 -9.82
C LYS A 201 -9.30 -27.40 -8.82
N GLN A 202 -8.87 -27.48 -7.56
CA GLN A 202 -9.33 -26.57 -6.51
C GLN A 202 -8.44 -25.34 -6.37
N TYR A 203 -9.08 -24.19 -6.32
CA TYR A 203 -8.43 -22.93 -6.09
C TYR A 203 -9.06 -22.32 -4.84
N ALA A 204 -8.26 -21.56 -4.11
CA ALA A 204 -8.78 -20.74 -3.01
C ALA A 204 -9.40 -19.50 -3.62
N LYS A 205 -10.71 -19.38 -3.46
CA LYS A 205 -11.40 -18.24 -4.02
C LYS A 205 -11.53 -17.14 -2.96
N VAL A 206 -11.00 -15.96 -3.27
CA VAL A 206 -11.15 -14.82 -2.41
C VAL A 206 -12.22 -13.86 -2.96
N ASP A 207 -13.33 -13.72 -2.24
CA ASP A 207 -14.27 -12.65 -2.53
C ASP A 207 -13.69 -11.35 -1.96
N ALA A 208 -13.78 -10.26 -2.71
CA ALA A 208 -13.23 -9.00 -2.22
C ALA A 208 -13.92 -7.78 -2.82
N ASP A 209 -13.85 -6.68 -2.07
CA ASP A 209 -14.29 -5.36 -2.55
C ASP A 209 -13.08 -4.50 -2.93
N LEU A 210 -13.22 -3.73 -4.01
CA LEU A 210 -12.21 -2.75 -4.34
C LEU A 210 -12.51 -1.43 -3.63
N ILE A 211 -11.63 -1.03 -2.72
CA ILE A 211 -11.81 0.21 -1.94
C ILE A 211 -10.71 1.24 -2.19
N LYS A 212 -10.96 2.48 -1.75
CA LYS A 212 -9.98 3.56 -1.89
C LYS A 212 -9.60 4.13 -0.53
N GLN A 213 -8.39 3.85 -0.06
CA GLN A 213 -7.94 4.47 1.19
C GLN A 213 -7.27 5.81 0.91
N LEU A 214 -7.42 6.73 1.86
CA LEU A 214 -6.72 8.01 1.85
C LEU A 214 -5.24 7.74 1.96
N ASN A 215 -4.51 8.23 0.96
CA ASN A 215 -3.11 7.91 0.77
C ASN A 215 -2.58 8.96 -0.18
N PHE A 216 -1.83 9.92 0.35
CA PHE A 216 -1.49 11.08 -0.46
C PHE A 216 -0.34 10.81 -1.43
N GLU A 217 0.40 9.72 -1.20
CA GLU A 217 1.63 9.42 -1.94
C GLU A 217 2.54 10.66 -2.14
N ASN A 218 2.45 11.35 -3.27
CA ASN A 218 3.32 12.50 -3.52
C ASN A 218 2.53 13.81 -3.48
N ASP A 219 1.24 13.71 -3.16
CA ASP A 219 0.31 14.83 -3.26
C ASP A 219 0.46 15.79 -2.09
N VAL A 220 1.40 16.71 -2.23
CA VAL A 220 1.80 17.65 -1.19
C VAL A 220 0.72 18.65 -0.81
N ILE A 221 -0.01 19.16 -1.80
CA ILE A 221 -1.08 20.13 -1.57
C ILE A 221 -2.19 19.51 -0.74
N SER A 222 -2.60 18.30 -1.12
CA SER A 222 -3.67 17.61 -0.42
C SER A 222 -3.25 17.19 0.99
N ALA A 223 -2.03 16.69 1.11
CA ALA A 223 -1.50 16.23 2.38
C ALA A 223 -1.52 17.34 3.42
N SER A 224 -1.00 18.51 3.06
CA SER A 224 -0.85 19.58 4.04
C SER A 224 -2.23 20.18 4.39
N GLN A 225 -3.08 20.32 3.37
CA GLN A 225 -4.45 20.78 3.57
C GLN A 225 -5.17 19.88 4.58
N TRP A 226 -4.93 18.58 4.49
CA TRP A 226 -5.50 17.63 5.44
C TRP A 226 -4.98 17.84 6.87
N GLY A 227 -3.67 17.97 7.01
CA GLY A 227 -3.06 18.24 8.31
C GLY A 227 -3.59 19.52 8.94
N GLU A 228 -3.63 20.59 8.16
CA GLU A 228 -4.10 21.88 8.64
C GLU A 228 -5.52 21.77 9.14
N GLU A 229 -6.37 21.12 8.35
CA GLU A 229 -7.79 21.09 8.66
C GLU A 229 -8.04 20.23 9.88
N ASN A 230 -7.25 19.19 10.03
CA ASN A 230 -7.52 18.19 11.04
C ASN A 230 -6.68 18.38 12.30
N TYR A 231 -5.62 19.18 12.22
CA TYR A 231 -4.78 19.33 13.40
C TYR A 231 -4.36 20.77 13.80
N ALA A 232 -4.89 21.80 13.14
CA ALA A 232 -4.64 23.17 13.58
C ALA A 232 -5.34 23.45 14.90
N PRO A 233 -6.62 23.05 15.04
CA PRO A 233 -7.19 23.22 16.38
C PRO A 233 -6.42 22.44 17.44
N TRP A 234 -5.90 21.28 17.08
CA TRP A 234 -5.07 20.49 18.00
C TRP A 234 -3.89 21.31 18.51
N LEU A 235 -3.21 21.99 17.59
CA LEU A 235 -2.08 22.85 17.92
C LEU A 235 -2.49 23.99 18.84
N LYS A 236 -3.73 24.45 18.70
CA LYS A 236 -4.27 25.54 19.53
C LYS A 236 -4.33 25.12 20.99
N GLU A 237 -4.75 23.89 21.24
CA GLU A 237 -5.06 23.42 22.60
C GLU A 237 -3.87 22.90 23.41
N LEU A 238 -2.69 22.84 22.82
CA LEU A 238 -1.53 22.27 23.52
C LEU A 238 -1.20 23.10 24.74
N THR A 239 -0.91 22.45 25.86
CA THR A 239 -0.37 23.20 27.00
C THR A 239 1.06 23.62 26.63
N SER A 240 1.56 24.63 27.32
CA SER A 240 2.93 25.13 27.11
C SER A 240 3.94 24.01 27.08
N ASN A 241 3.95 23.19 28.12
CA ASN A 241 4.90 22.10 28.19
C ASN A 241 4.69 21.03 27.10
N GLU A 242 3.44 20.79 26.71
CA GLU A 242 3.18 19.82 25.65
C GLU A 242 3.79 20.32 24.34
N LEU A 243 3.60 21.62 24.09
CA LEU A 243 4.12 22.25 22.89
C LEU A 243 5.64 22.29 22.91
N ARG A 244 6.20 22.68 24.05
CA ARG A 244 7.64 22.66 24.26
C ARG A 244 8.25 21.28 23.92
N ASP A 245 7.75 20.23 24.56
CA ASP A 245 8.40 18.94 24.43
C ASP A 245 8.14 18.20 23.10
N ILE A 246 7.01 18.48 22.46
CA ILE A 246 6.81 18.06 21.07
C ILE A 246 7.90 18.73 20.24
N ASN A 247 8.01 20.04 20.38
CA ASN A 247 9.08 20.81 19.73
C ASN A 247 10.50 20.31 20.03
N ASN A 248 10.79 19.95 21.28
CA ASN A 248 12.10 19.36 21.61
C ASN A 248 12.31 18.04 20.87
N TYR A 249 11.30 17.17 20.93
CA TYR A 249 11.35 15.89 20.24
C TYR A 249 11.69 16.08 18.76
N LEU A 250 10.84 16.83 18.07
CA LEU A 250 10.98 17.12 16.64
C LEU A 250 12.31 17.72 16.21
N GLY A 251 12.90 18.57 17.05
CA GLY A 251 14.08 19.32 16.66
C GLY A 251 15.37 18.57 16.93
N GLY A 252 15.23 17.35 17.45
CA GLY A 252 16.39 16.52 17.68
C GLY A 252 16.36 15.75 18.99
N GLY A 253 15.38 16.03 19.83
CA GLY A 253 15.25 15.35 21.12
C GLY A 253 14.84 13.89 20.99
N TYR A 254 14.34 13.51 19.81
CA TYR A 254 13.84 12.15 19.57
C TYR A 254 14.91 11.09 19.87
N THR A 255 16.15 11.36 19.51
CA THR A 255 17.23 10.38 19.68
C THR A 255 17.29 9.87 21.12
N ALA A 256 17.33 10.78 22.09
CA ALA A 256 17.43 10.41 23.50
C ALA A 256 16.11 9.86 24.05
N ILE A 257 15.01 10.38 23.55
CA ILE A 257 13.69 9.96 24.03
C ILE A 257 13.33 8.53 23.62
N ASN A 258 13.56 8.19 22.35
CA ASN A 258 13.25 6.84 21.86
C ASN A 258 14.28 5.80 22.28
N LYS A 259 15.56 6.19 22.39
CA LYS A 259 16.54 5.32 23.00
C LYS A 259 16.07 4.90 24.38
N TYR A 260 15.55 5.86 25.14
CA TYR A 260 15.13 5.59 26.52
C TYR A 260 13.91 4.68 26.55
N LEU A 261 12.91 5.03 25.74
CA LEU A 261 11.71 4.22 25.60
C LEU A 261 12.10 2.79 25.20
N LEU A 262 13.07 2.67 24.31
CA LEU A 262 13.48 1.37 23.77
C LEU A 262 14.14 0.46 24.81
N ASP A 263 15.08 0.99 25.59
CA ASP A 263 15.78 0.14 26.57
C ASP A 263 16.29 0.87 27.81
N GLY A 264 15.81 2.08 28.06
CA GLY A 264 16.13 2.79 29.29
C GLY A 264 17.48 3.50 29.36
N THR A 265 18.02 3.89 28.21
CA THR A 265 19.32 4.55 28.18
C THR A 265 19.21 6.03 28.57
N ILE A 266 20.12 6.46 29.43
CA ILE A 266 20.19 7.85 29.85
C ILE A 266 21.59 8.41 29.64
N GLY A 267 21.69 9.60 29.08
CA GLY A 267 22.96 10.31 29.01
C GLY A 267 23.37 10.70 30.42
N GLU A 268 24.67 10.85 30.66
CA GLU A 268 25.14 11.15 32.01
C GLU A 268 24.76 12.55 32.46
N ASN A 269 24.62 13.46 31.50
CA ASN A 269 24.18 14.83 31.81
C ASN A 269 22.66 14.91 31.71
N THR A 270 22.04 13.79 31.38
CA THR A 270 20.59 13.72 31.30
C THR A 270 20.02 13.12 32.59
N SER A 271 18.80 13.47 32.92
CA SER A 271 18.14 12.90 34.07
C SER A 271 17.06 11.92 33.65
N LYS A 272 16.76 10.95 34.52
CA LYS A 272 15.65 10.06 34.28
C LYS A 272 14.34 10.83 34.30
N GLU A 273 14.18 11.69 35.31
CA GLU A 273 12.92 12.42 35.51
C GLU A 273 12.61 13.39 34.37
N ASP A 274 13.65 13.99 33.78
CA ASP A 274 13.46 14.89 32.65
C ASP A 274 12.92 14.09 31.47
N LEU A 275 13.44 12.87 31.30
CA LEU A 275 13.07 12.04 30.17
C LEU A 275 11.62 11.63 30.30
N GLU A 276 11.26 11.19 31.50
CA GLU A 276 9.90 10.73 31.80
C GLU A 276 8.86 11.84 31.68
N GLU A 277 9.25 13.05 32.07
CA GLU A 277 8.40 14.23 31.97
C GLU A 277 8.15 14.59 30.50
N LYS A 278 9.22 14.53 29.70
CA LYS A 278 9.10 14.81 28.28
C LYS A 278 8.16 13.78 27.63
N ILE A 279 8.39 12.50 27.94
CA ILE A 279 7.57 11.41 27.37
C ILE A 279 6.10 11.58 27.75
N SER A 280 5.86 11.87 29.02
CA SER A 280 4.51 12.09 29.54
C SER A 280 3.78 13.27 28.87
N ASN A 281 4.50 14.34 28.53
CA ASN A 281 3.88 15.49 27.85
C ASN A 281 3.63 15.24 26.35
N ILE A 282 4.54 14.53 25.69
CA ILE A 282 4.35 14.16 24.28
C ILE A 282 3.21 13.16 24.14
N SER A 283 3.28 12.08 24.92
CA SER A 283 2.22 11.05 24.90
C SER A 283 0.84 11.64 25.21
N SER A 284 0.78 12.49 26.23
CA SER A 284 -0.48 13.10 26.61
C SER A 284 -1.01 13.99 25.48
N ALA A 285 -0.09 14.67 24.80
CA ALA A 285 -0.44 15.49 23.65
C ALA A 285 -1.00 14.63 22.51
N LEU A 286 -0.40 13.46 22.31
CA LEU A 286 -0.77 12.61 21.17
C LEU A 286 -2.11 11.91 21.41
N LYS A 287 -2.69 12.08 22.61
CA LYS A 287 -3.98 11.46 22.93
C LYS A 287 -5.13 12.46 22.79
N LYS A 288 -4.85 13.70 22.42
CA LYS A 288 -5.85 14.75 22.51
C LYS A 288 -6.77 14.83 21.28
N ARG A 289 -6.33 14.25 20.18
CA ARG A 289 -7.14 14.31 18.96
C ARG A 289 -6.86 13.11 18.07
N LYS A 290 -7.69 12.06 18.24
CA LYS A 290 -7.50 10.78 17.54
C LYS A 290 -7.55 10.95 16.05
N ILE A 291 -6.75 10.14 15.33
CA ILE A 291 -6.76 10.14 13.87
C ILE A 291 -8.21 10.00 13.44
N PRO A 292 -8.70 10.94 12.63
CA PRO A 292 -10.13 11.05 12.36
C PRO A 292 -10.65 10.14 11.25
N GLU A 293 -9.76 9.60 10.42
CA GLU A 293 -10.18 8.66 9.37
C GLU A 293 -9.02 7.75 9.00
N ASP A 294 -9.30 6.51 8.58
CA ASP A 294 -8.23 5.59 8.19
C ASP A 294 -7.29 6.28 7.21
N ILE A 295 -5.99 6.17 7.46
CA ILE A 295 -5.04 6.84 6.57
C ILE A 295 -3.73 6.06 6.45
N ILE A 296 -3.16 6.04 5.24
CA ILE A 296 -1.82 5.50 5.07
C ILE A 296 -0.77 6.54 5.43
N THR A 297 0.24 6.11 6.19
CA THR A 297 1.40 6.94 6.45
C THR A 297 2.68 6.12 6.20
N TYR A 298 3.84 6.77 6.07
CA TYR A 298 5.08 6.07 5.71
C TYR A 298 6.21 6.34 6.69
N ARG A 299 7.16 5.40 6.75
CA ARG A 299 8.36 5.60 7.56
C ARG A 299 9.57 4.92 6.93
N ARG A 300 10.64 5.69 6.75
CA ARG A 300 11.94 5.12 6.40
C ARG A 300 12.52 4.56 7.69
N MET A 301 12.53 3.24 7.80
CA MET A 301 12.93 2.56 9.01
C MET A 301 14.40 2.21 8.97
N GLY A 302 15.07 2.28 10.12
CA GLY A 302 16.44 1.83 10.22
C GLY A 302 16.45 0.33 10.47
N PRO A 303 17.57 -0.34 10.19
CA PRO A 303 17.69 -1.80 10.35
C PRO A 303 17.42 -2.30 11.78
N ASN A 304 17.83 -1.52 12.77
CA ASN A 304 17.62 -1.85 14.19
C ASN A 304 16.18 -2.18 14.55
N GLU A 305 15.23 -1.65 13.77
CA GLU A 305 13.82 -1.89 14.04
C GLU A 305 13.40 -3.33 13.69
N PHE A 306 14.29 -4.07 13.01
CA PHE A 306 14.05 -5.48 12.70
C PHE A 306 15.25 -6.33 13.12
N GLY A 307 15.91 -5.88 14.18
CA GLY A 307 17.00 -6.62 14.79
C GLY A 307 18.24 -6.78 13.92
N LEU A 308 18.43 -5.85 12.99
CA LEU A 308 19.57 -5.92 12.06
C LEU A 308 20.49 -4.71 12.20
N ASP A 309 21.80 -4.95 12.08
CA ASP A 309 22.77 -3.88 12.03
C ASP A 309 23.08 -3.49 10.60
N LEU A 310 23.53 -2.25 10.42
CA LEU A 310 23.75 -1.69 9.11
C LEU A 310 24.76 -2.53 8.34
N ASN A 311 25.72 -3.10 9.07
CA ASN A 311 26.70 -4.00 8.46
C ASN A 311 26.39 -5.49 8.65
N SER A 312 25.19 -5.82 9.10
CA SER A 312 24.83 -7.23 9.13
C SER A 312 24.76 -7.72 7.69
N PRO A 313 25.21 -8.97 7.47
CA PRO A 313 25.13 -9.56 6.11
C PRO A 313 23.68 -9.75 5.68
N ASP A 314 22.81 -10.11 6.63
CA ASP A 314 21.39 -10.33 6.34
C ASP A 314 20.72 -9.10 5.75
N TYR A 315 21.36 -7.93 5.92
CA TYR A 315 20.78 -6.65 5.51
C TYR A 315 21.10 -6.32 4.03
N ASP A 316 21.82 -7.21 3.35
CA ASP A 316 22.06 -7.05 1.91
C ASP A 316 20.90 -7.63 1.12
N PHE A 317 19.93 -6.79 0.79
CA PHE A 317 18.73 -7.22 0.08
C PHE A 317 18.93 -7.30 -1.42
N ASN A 318 20.16 -7.12 -1.86
CA ASN A 318 20.50 -7.30 -3.26
C ASN A 318 20.78 -8.76 -3.57
N LYS A 319 20.90 -9.57 -2.51
CA LYS A 319 21.01 -11.01 -2.69
C LYS A 319 19.64 -11.66 -2.46
N VAL A 320 19.18 -12.45 -3.43
CA VAL A 320 17.85 -13.07 -3.39
C VAL A 320 17.58 -13.82 -2.08
N GLU A 321 18.60 -14.54 -1.61
CA GLU A 321 18.53 -15.30 -0.37
C GLU A 321 18.16 -14.45 0.87
N ASN A 322 18.60 -13.19 0.91
CA ASN A 322 18.37 -12.37 2.09
C ASN A 322 16.99 -11.78 2.15
N VAL A 323 16.41 -11.52 0.99
CA VAL A 323 15.03 -11.07 0.92
C VAL A 323 14.12 -12.18 1.40
N SER A 324 14.49 -13.42 1.11
CA SER A 324 13.61 -14.55 1.42
C SER A 324 13.58 -14.84 2.90
N LYS A 325 14.73 -14.67 3.56
CA LYS A 325 14.81 -15.01 4.96
C LYS A 325 14.18 -13.91 5.80
N PHE A 326 14.18 -12.69 5.26
CA PHE A 326 13.53 -11.58 5.93
C PHE A 326 12.02 -11.78 5.84
N LYS A 327 11.53 -12.06 4.65
CA LYS A 327 10.12 -12.37 4.44
C LYS A 327 9.70 -13.54 5.32
N GLU A 328 10.58 -14.53 5.43
CA GLU A 328 10.28 -15.68 6.28
C GLU A 328 10.11 -15.22 7.71
N LYS A 329 10.95 -14.28 8.13
CA LYS A 329 11.05 -13.93 9.54
C LYS A 329 9.89 -13.04 10.03
N TRP A 330 9.40 -12.12 9.19
CA TRP A 330 8.51 -11.07 9.70
C TRP A 330 7.10 -11.11 9.14
N LEU A 331 6.90 -11.85 8.06
CA LEU A 331 5.57 -11.92 7.43
C LEU A 331 4.58 -12.55 8.41
N GLY A 332 3.45 -11.90 8.59
CA GLY A 332 2.40 -12.37 9.49
C GLY A 332 2.62 -12.01 10.95
N LYS A 333 3.76 -11.39 11.25
CA LYS A 333 4.15 -11.19 12.64
C LYS A 333 3.60 -9.90 13.25
N THR A 334 3.36 -9.96 14.55
CA THR A 334 3.04 -8.75 15.30
C THR A 334 4.27 -8.30 16.08
N ILE A 335 4.69 -7.07 15.83
CA ILE A 335 5.87 -6.48 16.46
C ILE A 335 5.51 -5.31 17.38
N PRO A 336 5.72 -5.48 18.70
CA PRO A 336 5.53 -4.36 19.64
C PRO A 336 6.45 -3.18 19.30
N VAL A 337 5.95 -1.97 19.48
CA VAL A 337 6.74 -0.77 19.21
C VAL A 337 6.79 0.11 20.48
N LYS A 338 7.86 -0.04 21.25
CA LYS A 338 8.02 0.67 22.52
C LYS A 338 8.18 2.18 22.31
N THR A 339 8.57 2.58 21.12
CA THR A 339 9.00 3.95 20.85
C THR A 339 7.87 4.82 20.30
N PHE A 340 8.05 6.14 20.32
CA PHE A 340 7.19 7.01 19.51
C PHE A 340 7.49 6.66 18.05
N ILE A 341 6.51 6.77 17.16
CA ILE A 341 6.74 6.49 15.76
C ILE A 341 6.62 7.75 14.89
N SER A 342 7.76 8.28 14.45
CA SER A 342 7.78 9.36 13.47
C SER A 342 7.47 8.82 12.07
N THR A 343 6.37 9.29 11.49
CA THR A 343 5.97 8.86 10.16
C THR A 343 5.69 10.08 9.29
N THR A 344 5.71 9.87 7.98
CA THR A 344 5.39 10.91 7.03
C THR A 344 4.24 10.43 6.15
N VAL A 345 3.27 11.32 5.89
CA VAL A 345 2.11 10.92 5.09
C VAL A 345 2.41 10.93 3.60
N LEU A 346 3.62 11.38 3.25
CA LEU A 346 4.05 11.37 1.86
C LEU A 346 4.96 10.17 1.62
N SER A 347 4.81 9.54 0.45
CA SER A 347 5.64 8.40 0.08
C SER A 347 7.07 8.77 -0.31
N ASN A 348 7.33 10.07 -0.55
CA ASN A 348 8.64 10.53 -1.02
C ASN A 348 9.76 10.05 -0.12
N ASN A 349 10.90 9.68 -0.71
CA ASN A 349 12.08 9.42 0.08
C ASN A 349 12.53 10.74 0.73
N ILE A 350 13.35 10.65 1.78
CA ILE A 350 13.80 11.82 2.53
C ILE A 350 15.34 11.88 2.60
N SER A 351 15.93 13.03 2.27
CA SER A 351 17.38 13.16 2.12
C SER A 351 18.20 12.58 3.27
N ALA A 352 17.82 12.94 4.50
CA ALA A 352 18.56 12.51 5.68
C ALA A 352 18.47 10.98 5.89
N PHE A 353 17.48 10.35 5.26
CA PHE A 353 17.31 8.91 5.38
C PHE A 353 17.22 8.20 4.01
N ALA A 354 17.89 8.75 3.01
CA ALA A 354 17.77 8.26 1.63
C ALA A 354 18.14 6.78 1.45
N LYS A 355 19.12 6.31 2.22
CA LYS A 355 19.71 5.00 1.97
C LYS A 355 19.14 3.89 2.84
N ARG A 356 18.17 4.23 3.69
CA ARG A 356 17.50 3.22 4.50
C ARG A 356 16.72 2.28 3.58
N LYS A 357 16.84 0.99 3.81
CA LYS A 357 16.32 0.00 2.84
C LYS A 357 14.91 -0.50 3.16
N LEU A 358 14.38 -0.08 4.30
CA LEU A 358 13.11 -0.59 4.79
C LEU A 358 12.03 0.48 4.80
N ILE A 359 11.08 0.40 3.88
CA ILE A 359 10.02 1.39 3.79
C ILE A 359 8.70 0.93 4.41
N LEU A 360 8.32 1.54 5.52
CA LEU A 360 7.04 1.24 6.15
C LEU A 360 5.91 1.93 5.39
N ARG A 361 4.90 1.17 5.03
CA ARG A 361 3.67 1.73 4.50
C ARG A 361 2.54 1.32 5.44
N LEU A 362 2.17 2.22 6.35
CA LEU A 362 1.34 1.87 7.51
C LEU A 362 -0.13 2.25 7.33
N HIS A 363 -1.00 1.26 7.43
CA HIS A 363 -2.42 1.54 7.59
C HIS A 363 -2.61 2.04 9.01
N LEU A 364 -2.88 3.35 9.12
CA LEU A 364 -3.11 4.01 10.39
C LEU A 364 -4.61 4.20 10.57
N PRO A 365 -5.23 3.39 11.44
CA PRO A 365 -6.69 3.28 11.64
C PRO A 365 -7.34 4.52 12.25
N ASN A 366 -8.62 4.72 11.95
CA ASN A 366 -9.47 5.67 12.67
C ASN A 366 -9.32 5.45 14.17
N GLY A 367 -9.20 6.54 14.93
CA GLY A 367 -9.16 6.45 16.39
C GLY A 367 -7.81 6.16 17.02
N SER A 368 -6.75 6.11 16.23
CA SER A 368 -5.39 5.97 16.77
C SER A 368 -4.92 7.25 17.49
N ASN A 369 -4.13 7.09 18.54
CA ASN A 369 -3.53 8.21 19.25
C ASN A 369 -2.27 8.70 18.52
N ALA A 370 -2.48 9.67 17.62
CA ALA A 370 -1.43 10.20 16.77
C ALA A 370 -1.86 11.59 16.30
N ALA A 371 -0.91 12.44 15.90
CA ALA A 371 -1.25 13.77 15.44
C ALA A 371 -0.41 14.24 14.26
N TYR A 372 -0.99 15.11 13.45
CA TYR A 372 -0.23 15.75 12.39
C TYR A 372 0.55 16.91 12.99
N VAL A 373 1.77 16.63 13.44
CA VAL A 373 2.54 17.59 14.22
C VAL A 373 3.12 18.74 13.38
N SER A 374 3.25 18.53 12.07
CA SER A 374 3.88 19.53 11.20
C SER A 374 2.97 20.72 10.93
N VAL A 375 1.84 20.78 11.63
CA VAL A 375 0.95 21.92 11.53
C VAL A 375 1.62 23.11 12.22
N ALA A 376 2.42 22.79 13.24
CA ALA A 376 3.17 23.80 14.00
C ALA A 376 3.99 24.71 13.12
N GLU A 377 4.31 25.88 13.63
CA GLU A 377 5.09 26.85 12.87
C GLU A 377 6.48 26.29 12.61
N GLY A 378 7.02 26.57 11.42
CA GLY A 378 8.39 26.23 11.10
C GLY A 378 8.57 24.77 10.79
N TYR A 379 7.51 24.18 10.26
CA TYR A 379 7.59 22.83 9.73
C TYR A 379 7.05 22.85 8.31
N LYS A 380 7.36 23.96 7.63
CA LYS A 380 7.30 24.01 6.18
C LYS A 380 8.10 22.81 5.68
N ASN A 381 7.55 22.12 4.69
CA ASN A 381 8.17 20.96 4.04
C ASN A 381 8.21 19.72 4.93
N GLU A 382 7.67 19.84 6.14
CA GLU A 382 7.50 18.68 7.00
C GLU A 382 6.06 18.19 6.84
N TYR A 383 5.89 16.87 6.81
CA TYR A 383 4.58 16.25 6.63
C TYR A 383 4.42 15.11 7.62
N GLU A 384 4.66 15.38 8.90
CA GLU A 384 4.78 14.30 9.87
C GLU A 384 3.47 14.00 10.62
N VAL A 385 3.16 12.72 10.72
CA VAL A 385 2.22 12.26 11.73
C VAL A 385 2.98 11.48 12.79
N LEU A 386 2.90 11.95 14.03
CA LEU A 386 3.62 11.34 15.16
C LEU A 386 2.70 10.44 15.97
N ILE A 387 3.09 9.18 16.14
CA ILE A 387 2.22 8.20 16.78
C ILE A 387 2.71 7.89 18.19
N ASP A 388 1.75 7.77 19.12
CA ASP A 388 2.03 7.47 20.53
C ASP A 388 2.81 6.18 20.67
N HIS A 389 3.62 6.09 21.71
CA HIS A 389 4.38 4.87 21.96
C HIS A 389 3.49 3.73 22.45
N GLY A 390 3.99 2.51 22.26
CA GLY A 390 3.39 1.35 22.89
C GLY A 390 2.35 0.65 22.05
N TYR A 391 2.23 1.04 20.78
CA TYR A 391 1.41 0.30 19.82
C TYR A 391 2.17 -0.89 19.25
N SER A 392 1.65 -1.46 18.17
CA SER A 392 2.24 -2.64 17.53
C SER A 392 2.04 -2.68 16.02
N TYR A 393 3.00 -3.29 15.31
CA TYR A 393 2.91 -3.53 13.88
C TYR A 393 2.36 -4.91 13.58
N LYS A 394 1.26 -5.00 12.83
CA LYS A 394 0.91 -6.29 12.22
C LYS A 394 1.46 -6.27 10.81
N ILE A 395 2.42 -7.16 10.53
CA ILE A 395 3.07 -7.20 9.22
C ILE A 395 2.21 -7.92 8.18
N ASP A 396 1.74 -7.18 7.18
CA ASP A 396 0.81 -7.71 6.17
C ASP A 396 1.48 -8.19 4.88
N ASN A 397 2.53 -7.48 4.49
CA ASN A 397 3.19 -7.81 3.25
C ASN A 397 4.56 -7.16 3.19
N ILE A 398 5.42 -7.81 2.42
CA ILE A 398 6.74 -7.32 2.13
C ILE A 398 6.93 -7.45 0.63
N THR A 399 7.17 -6.31 -0.03
CA THR A 399 7.32 -6.26 -1.48
C THR A 399 8.63 -5.55 -1.82
N GLU A 400 9.47 -6.20 -2.62
CA GLU A 400 10.74 -5.59 -2.97
C GLU A 400 10.60 -4.69 -4.19
N TYR A 401 11.41 -3.64 -4.23
CA TYR A 401 11.59 -2.93 -5.49
C TYR A 401 13.05 -2.51 -5.54
N TYR A 402 13.54 -2.16 -6.73
CA TYR A 402 14.93 -1.76 -6.89
C TYR A 402 15.12 -0.25 -7.05
N ASP A 403 15.81 0.38 -6.10
CA ASP A 403 16.12 1.81 -6.15
C ASP A 403 17.46 2.04 -6.86
N GLU A 404 17.38 2.35 -8.15
CA GLU A 404 18.55 2.51 -9.01
C GLU A 404 19.34 3.79 -8.73
N SER A 405 18.77 4.69 -7.94
CA SER A 405 19.37 6.02 -7.75
C SER A 405 20.62 5.95 -6.91
N SER A 406 21.57 6.83 -7.24
CA SER A 406 22.83 6.94 -6.53
C SER A 406 22.64 7.34 -5.06
N LEU A 407 21.68 8.22 -4.81
CA LEU A 407 21.45 8.74 -3.45
C LEU A 407 20.64 7.78 -2.62
N GLY A 408 19.74 7.05 -3.29
CA GLY A 408 18.86 6.09 -2.63
C GLY A 408 19.65 4.89 -2.15
N GLY A 409 20.82 4.67 -2.78
CA GLY A 409 21.74 3.63 -2.35
C GLY A 409 21.95 2.47 -3.30
N LYS A 410 21.46 2.59 -4.55
CA LYS A 410 21.52 1.53 -5.56
C LYS A 410 21.35 0.15 -4.95
N THR A 411 20.18 -0.07 -4.37
CA THR A 411 19.87 -1.31 -3.66
C THR A 411 18.41 -1.68 -3.82
N ASN A 412 18.13 -2.97 -3.68
CA ASN A 412 16.75 -3.41 -3.44
C ASN A 412 16.29 -2.87 -2.10
N LYS A 413 15.03 -2.49 -2.03
CA LYS A 413 14.45 -2.04 -0.78
C LYS A 413 13.15 -2.79 -0.54
N LEU A 414 12.75 -2.88 0.73
CA LEU A 414 11.56 -3.65 1.09
C LEU A 414 10.44 -2.74 1.54
N ILE A 415 9.32 -2.82 0.83
CA ILE A 415 8.11 -2.08 1.20
C ILE A 415 7.28 -2.89 2.20
N ILE A 416 7.22 -2.44 3.44
CA ILE A 416 6.57 -3.22 4.47
C ILE A 416 5.15 -2.70 4.67
N ASP A 417 4.18 -3.40 4.10
CA ASP A 417 2.80 -3.05 4.37
C ASP A 417 2.43 -3.60 5.73
N ALA A 418 1.91 -2.73 6.59
CA ALA A 418 1.65 -3.11 7.96
C ALA A 418 0.39 -2.43 8.44
N THR A 419 -0.21 -2.99 9.49
CA THR A 419 -1.37 -2.40 10.14
C THR A 419 -0.99 -2.10 11.59
N LEU A 420 -1.29 -0.89 12.06
CA LEU A 420 -1.03 -0.53 13.45
C LEU A 420 -2.15 -1.11 14.30
N ILE A 421 -1.80 -1.91 15.31
CA ILE A 421 -2.81 -2.51 16.17
C ILE A 421 -2.63 -2.15 17.65
PA NAI B . 13.97 7.47 15.57
O1A NAI B . 14.27 7.72 17.03
O2A NAI B . 12.67 6.77 15.20
O5B NAI B . 15.22 6.65 14.95
C5B NAI B . 16.48 6.66 15.60
C4B NAI B . 17.21 5.33 15.42
O4B NAI B . 16.69 4.37 16.34
C3B NAI B . 17.02 4.77 14.00
O3B NAI B . 18.26 4.19 13.57
C2B NAI B . 15.96 3.70 14.17
O2B NAI B . 16.11 2.61 13.25
C1B NAI B . 16.12 3.27 15.62
N9A NAI B . 14.81 2.90 16.19
C8A NAI B . 13.66 3.62 16.13
N7A NAI B . 12.64 2.97 16.76
C5A NAI B . 13.14 1.80 17.20
C6A NAI B . 12.63 0.60 17.92
N6A NAI B . 11.35 0.54 18.32
N1A NAI B . 13.48 -0.41 18.17
C2A NAI B . 14.76 -0.37 17.78
N3A NAI B . 15.30 0.67 17.11
C4A NAI B . 14.55 1.75 16.80
O3 NAI B . 14.04 8.83 14.73
PN NAI B . 14.39 8.93 13.14
O1N NAI B . 15.75 8.31 12.87
O2N NAI B . 13.20 8.53 12.30
O5D NAI B . 14.53 10.52 12.98
C5D NAI B . 13.49 11.32 13.54
C4D NAI B . 13.58 12.70 12.94
O4D NAI B . 13.17 12.60 11.58
C3D NAI B . 12.63 13.65 13.65
O3D NAI B . 13.13 14.99 13.58
C2D NAI B . 11.38 13.53 12.80
O2D NAI B . 10.63 14.74 12.85
C1D NAI B . 11.90 13.23 11.40
N1N NAI B . 11.02 12.34 10.65
C2N NAI B . 11.45 11.12 10.25
C3N NAI B . 10.63 10.25 9.53
C7N NAI B . 11.13 8.89 9.09
O7N NAI B . 10.67 8.43 8.04
N7N NAI B . 12.04 8.24 9.81
C4N NAI B . 9.22 10.62 9.18
C5N NAI B . 8.87 11.95 9.67
C6N NAI B . 9.76 12.74 10.38
#